data_4IDZ
#
_entry.id   4IDZ
#
_cell.length_a   140.412
_cell.length_b   140.412
_cell.length_c   83.447
_cell.angle_alpha   90.000
_cell.angle_beta   90.000
_cell.angle_gamma   120.000
#
_symmetry.space_group_name_H-M   'H 3'
#
loop_
_entity.id
_entity.type
_entity.pdbx_description
1 polymer 'Alpha-ketoglutarate-dependent dioxygenase FTO'
2 non-polymer N-OXALYLGLYCINE
3 non-polymer GLYCEROL
4 non-polymer 'NICKEL (II) ION'
5 water water
#
_entity_poly.entity_id   1
_entity_poly.type   'polypeptide(L)'
_entity_poly.pdbx_seq_one_letter_code
;MGSSHHHHHHSSGLVPRGSHMTPKDDEFYQQWQLKYPKLILREASSVSEELHKEVQEAFLTLHKHGCLFRDLVRIQGKDL
LTPVSRILIGNPGCTYKYLNTRLFTVPWPVKGSNIKHTEAEIAAACETFLKLNDYLQIETIQALEELAAKEKANEDAVPL
CMSADFPRVGMGSSYNGQDEVDIKSRAAYNVTLLNFMDPQKMPYLKEEPYFGMGKMAVSWHHDENLVDRSAVAVYSYSCE
GPEEESEDDSHLEGRDPDIWHVGFKISWDIETPGLAIPLHQGDCYFMLDDLNATHQHCVLAGSQPRFSSTHRVAECSTGT
LDYILQRCQLALQNVCDDVDNDDVSLKSFEPAVLKQGEEIHNEVEFEWLRQFWFQGNRYRKCTDWWCQPMAQLEALWKKM
EGVTNAVLHEVKREGLPVEQRNEILTAILASLTARQNLRREWHARCQSRIARTLPADQKPECRPYWEKDDASMPLPFDLT
DIVSELRGQLLEAKP
;
_entity_poly.pdbx_strand_id   A
#
loop_
_chem_comp.id
_chem_comp.type
_chem_comp.name
_chem_comp.formula
GOL non-polymer GLYCEROL 'C3 H8 O3'
NI non-polymer 'NICKEL (II) ION' 'Ni 2'
OGA non-polymer N-OXALYLGLYCINE 'C4 H5 N O5'
#
# COMPACT_ATOMS: atom_id res chain seq x y z
N ARG A 17 -4.75 -21.95 -29.33
CA ARG A 17 -5.19 -22.62 -28.10
C ARG A 17 -4.27 -22.24 -26.95
N GLY A 18 -4.69 -21.26 -26.15
CA GLY A 18 -3.90 -20.80 -25.02
C GLY A 18 -3.80 -21.87 -23.96
N SER A 19 -2.58 -22.22 -23.58
CA SER A 19 -2.37 -23.33 -22.65
C SER A 19 -1.37 -22.99 -21.58
N HIS A 20 -1.30 -23.86 -20.59
CA HIS A 20 -0.31 -23.72 -19.54
C HIS A 20 0.41 -25.04 -19.32
N MET A 21 1.56 -24.94 -18.65
CA MET A 21 2.42 -26.08 -18.39
C MET A 21 2.65 -26.16 -16.91
N THR A 22 2.71 -27.39 -16.41
CA THR A 22 3.09 -27.67 -15.04
C THR A 22 4.26 -28.69 -15.07
N PRO A 23 4.82 -29.05 -13.89
CA PRO A 23 5.90 -30.06 -13.90
C PRO A 23 5.56 -31.36 -14.65
N LYS A 24 4.27 -31.64 -14.82
CA LYS A 24 3.88 -32.84 -15.56
C LYS A 24 4.17 -32.74 -17.08
N ASP A 25 4.38 -31.52 -17.57
CA ASP A 25 4.63 -31.35 -19.00
C ASP A 25 6.09 -31.54 -19.35
N ASP A 26 6.32 -32.13 -20.51
CA ASP A 26 7.67 -32.45 -20.94
C ASP A 26 8.50 -31.18 -21.14
N GLU A 27 7.85 -30.10 -21.53
CA GLU A 27 8.57 -28.88 -21.88
C GLU A 27 8.64 -27.87 -20.75
N PHE A 28 8.10 -28.23 -19.59
CA PHE A 28 7.93 -27.30 -18.48
C PHE A 28 9.25 -26.69 -18.02
N TYR A 29 10.25 -27.55 -17.85
CA TYR A 29 11.51 -27.15 -17.27
C TYR A 29 12.34 -26.39 -18.28
N GLN A 30 12.24 -26.78 -19.53
CA GLN A 30 12.99 -26.10 -20.56
C GLN A 30 12.35 -24.74 -20.83
N GLN A 31 11.04 -24.69 -20.72
CA GLN A 31 10.31 -23.46 -20.91
C GLN A 31 10.56 -22.55 -19.71
N TRP A 32 10.80 -23.15 -18.55
CA TRP A 32 11.11 -22.39 -17.35
C TRP A 32 12.47 -21.70 -17.54
N GLN A 33 13.46 -22.46 -18.00
CA GLN A 33 14.81 -21.95 -18.20
C GLN A 33 14.84 -20.87 -19.30
N LEU A 34 14.06 -21.08 -20.35
CA LEU A 34 14.06 -20.19 -21.51
C LEU A 34 13.25 -18.91 -21.37
N LYS A 35 12.16 -18.95 -20.60
CA LYS A 35 11.31 -17.77 -20.57
C LYS A 35 10.82 -17.40 -19.20
N TYR A 36 11.43 -17.95 -18.17
CA TYR A 36 11.12 -17.55 -16.80
C TYR A 36 12.30 -17.83 -15.88
N PRO A 37 13.52 -17.52 -16.32
CA PRO A 37 14.64 -17.94 -15.48
C PRO A 37 14.82 -17.11 -14.20
N LYS A 38 14.25 -15.92 -14.10
CA LYS A 38 14.42 -15.10 -12.87
C LYS A 38 13.37 -15.43 -11.79
N LEU A 39 12.56 -16.43 -12.10
CA LEU A 39 11.74 -17.09 -11.10
C LEU A 39 12.50 -18.27 -10.51
N ILE A 40 12.54 -18.33 -9.19
CA ILE A 40 13.32 -19.34 -8.52
C ILE A 40 12.48 -20.06 -7.49
N LEU A 41 12.71 -21.36 -7.36
CA LEU A 41 11.89 -22.18 -6.48
C LEU A 41 12.74 -22.85 -5.39
N ARG A 42 12.35 -22.62 -4.14
CA ARG A 42 13.01 -23.24 -3.00
C ARG A 42 12.00 -24.14 -2.29
N GLU A 43 12.17 -25.44 -2.46
CA GLU A 43 11.21 -26.38 -1.93
C GLU A 43 11.19 -26.35 -0.39
N ALA A 44 10.06 -26.72 0.18
CA ALA A 44 9.90 -26.73 1.64
C ALA A 44 11.07 -27.38 2.35
N SER A 45 11.74 -28.33 1.70
CA SER A 45 12.82 -29.08 2.36
C SER A 45 14.08 -28.21 2.58
N SER A 46 14.14 -27.06 1.92
CA SER A 46 15.28 -26.17 2.08
C SER A 46 15.17 -25.28 3.32
N VAL A 47 13.98 -25.24 3.90
CA VAL A 47 13.73 -24.44 5.11
C VAL A 47 13.57 -25.35 6.33
N SER A 48 14.23 -24.98 7.42
CA SER A 48 14.30 -25.80 8.62
C SER A 48 12.92 -26.14 9.14
N GLU A 49 12.85 -27.20 9.93
CA GLU A 49 11.61 -27.61 10.57
C GLU A 49 11.13 -26.52 11.55
N GLU A 50 12.01 -26.10 12.45
CA GLU A 50 11.63 -25.12 13.50
C GLU A 50 11.07 -23.82 12.92
N LEU A 51 11.64 -23.35 11.82
CA LEU A 51 11.16 -22.13 11.19
C LEU A 51 9.80 -22.38 10.55
N HIS A 52 9.60 -23.56 9.99
CA HIS A 52 8.32 -23.91 9.37
C HIS A 52 7.25 -23.83 10.44
N LYS A 53 7.55 -24.42 11.59
CA LYS A 53 6.57 -24.55 12.66
C LYS A 53 6.20 -23.17 13.15
N GLU A 54 7.21 -22.40 13.51
CA GLU A 54 7.00 -21.07 14.06
C GLU A 54 6.19 -20.17 13.11
N VAL A 55 6.50 -20.25 11.81
CA VAL A 55 5.84 -19.42 10.79
C VAL A 55 4.38 -19.85 10.59
N GLN A 56 4.13 -21.14 10.67
CA GLN A 56 2.77 -21.64 10.47
C GLN A 56 1.89 -21.28 11.66
N GLU A 57 2.47 -21.33 12.86
CA GLU A 57 1.77 -21.00 14.08
C GLU A 57 1.44 -19.51 14.06
N ALA A 58 2.38 -18.70 13.60
CA ALA A 58 2.18 -17.26 13.48
C ALA A 58 1.01 -16.94 12.54
N PHE A 59 0.96 -17.59 11.38
CA PHE A 59 -0.21 -17.45 10.52
C PHE A 59 -1.51 -17.78 11.27
N LEU A 60 -1.54 -18.92 11.96
CA LEU A 60 -2.74 -19.38 12.63
C LEU A 60 -3.10 -18.46 13.78
N THR A 61 -2.10 -17.80 14.35
CA THR A 61 -2.35 -17.00 15.53
C THR A 61 -2.89 -15.63 15.10
N LEU A 62 -2.44 -15.14 13.95
CA LEU A 62 -2.93 -13.87 13.42
C LEU A 62 -4.35 -14.01 12.89
N HIS A 63 -4.63 -15.18 12.30
CA HIS A 63 -5.95 -15.50 11.79
C HIS A 63 -6.93 -15.63 12.96
N LYS A 64 -6.53 -16.36 14.00
CA LYS A 64 -7.37 -16.55 15.18
C LYS A 64 -7.78 -15.22 15.80
N HIS A 65 -6.82 -14.29 15.85
CA HIS A 65 -7.04 -12.94 16.39
C HIS A 65 -7.74 -12.02 15.37
N GLY A 66 -8.16 -12.59 14.25
CA GLY A 66 -8.88 -11.84 13.22
C GLY A 66 -8.12 -10.63 12.71
N CYS A 67 -6.84 -10.80 12.39
CA CYS A 67 -5.98 -9.69 11.99
C CYS A 67 -5.91 -9.52 10.47
N LEU A 68 -6.65 -10.32 9.73
CA LEU A 68 -6.60 -10.26 8.27
C LEU A 68 -7.92 -9.78 7.70
N PHE A 69 -7.83 -8.80 6.84
CA PHE A 69 -8.99 -8.14 6.29
C PHE A 69 -8.88 -8.07 4.81
N ARG A 70 -9.97 -8.43 4.15
CA ARG A 70 -10.12 -8.16 2.75
C ARG A 70 -10.03 -6.63 2.59
N ASP A 71 -9.25 -6.18 1.61
CA ASP A 71 -9.05 -4.75 1.37
C ASP A 71 -10.08 -4.21 0.38
N LEU A 72 -10.57 -3.02 0.68
CA LEU A 72 -11.50 -2.36 -0.20
C LEU A 72 -10.70 -1.41 -1.13
N VAL A 73 -10.26 -1.96 -2.25
CA VAL A 73 -9.37 -1.23 -3.12
C VAL A 73 -10.18 -0.60 -4.22
N ARG A 74 -9.48 0.04 -5.13
CA ARG A 74 -10.13 0.73 -6.21
C ARG A 74 -9.41 0.33 -7.47
N ILE A 75 -10.16 -0.15 -8.46
CA ILE A 75 -9.57 -0.55 -9.75
C ILE A 75 -10.45 -0.12 -10.93
N GLN A 76 -9.84 0.68 -11.81
CA GLN A 76 -10.51 1.27 -12.96
C GLN A 76 -11.82 1.92 -12.60
N GLY A 77 -11.77 2.79 -11.60
CA GLY A 77 -12.90 3.62 -11.25
C GLY A 77 -13.98 2.87 -10.49
N LYS A 78 -13.64 1.68 -9.97
CA LYS A 78 -14.62 0.82 -9.29
C LYS A 78 -14.16 0.39 -7.91
N ASP A 79 -15.08 0.27 -6.97
CA ASP A 79 -14.79 -0.19 -5.63
C ASP A 79 -14.90 -1.73 -5.57
N LEU A 80 -13.81 -2.37 -5.20
CA LEU A 80 -13.69 -3.82 -5.30
C LEU A 80 -12.98 -4.40 -4.11
N LEU A 81 -13.65 -5.36 -3.51
CA LEU A 81 -13.20 -6.05 -2.32
C LEU A 81 -12.38 -7.28 -2.70
N THR A 82 -11.12 -7.29 -2.29
CA THR A 82 -10.20 -8.36 -2.63
C THR A 82 -10.69 -9.66 -2.04
N PRO A 83 -10.82 -10.71 -2.87
CA PRO A 83 -11.15 -12.03 -2.33
C PRO A 83 -10.27 -12.46 -1.16
N VAL A 84 -8.98 -12.12 -1.20
CA VAL A 84 -8.08 -12.57 -0.16
C VAL A 84 -8.18 -11.62 1.02
N SER A 85 -8.00 -12.16 2.23
CA SER A 85 -7.83 -11.30 3.39
C SER A 85 -6.33 -11.04 3.57
N ARG A 86 -6.00 -9.82 3.99
CA ARG A 86 -4.62 -9.39 4.01
C ARG A 86 -4.20 -8.70 5.28
N ILE A 87 -2.89 -8.72 5.51
CA ILE A 87 -2.30 -7.87 6.54
C ILE A 87 -0.86 -7.52 6.19
N LEU A 88 -0.51 -6.24 6.33
CA LEU A 88 0.84 -5.72 6.11
C LEU A 88 1.60 -5.69 7.42
N ILE A 89 2.75 -6.36 7.45
CA ILE A 89 3.65 -6.32 8.60
C ILE A 89 4.98 -5.80 8.11
N GLY A 90 5.59 -4.84 8.79
CA GLY A 90 6.91 -4.40 8.38
C GLY A 90 7.54 -3.38 9.29
N ASN A 91 8.48 -2.61 8.73
CA ASN A 91 9.18 -1.59 9.48
C ASN A 91 8.23 -0.55 10.06
N PRO A 92 8.35 -0.29 11.36
CA PRO A 92 7.50 0.78 11.89
C PRO A 92 7.62 2.06 11.06
N GLY A 93 6.48 2.70 10.80
CA GLY A 93 6.43 3.96 10.08
C GLY A 93 6.20 3.78 8.59
N CYS A 94 6.43 2.59 8.08
CA CYS A 94 6.39 2.34 6.64
C CYS A 94 4.99 1.98 6.11
N THR A 95 4.77 2.26 4.82
CA THR A 95 3.48 2.01 4.15
C THR A 95 3.70 1.36 2.78
N TYR A 96 2.69 0.63 2.32
CA TYR A 96 2.72 -0.02 1.01
C TYR A 96 1.42 0.27 0.27
N LYS A 97 1.50 0.96 -0.86
CA LYS A 97 0.32 1.37 -1.60
C LYS A 97 0.07 0.57 -2.88
N TYR A 98 -1.14 0.07 -3.05
CA TYR A 98 -1.50 -0.60 -4.28
C TYR A 98 -2.98 -0.36 -4.51
N LEU A 99 -3.39 -0.40 -5.77
CA LEU A 99 -4.80 -0.20 -6.10
C LEU A 99 -5.37 0.98 -5.28
N ASN A 100 -4.64 2.10 -5.31
CA ASN A 100 -4.99 3.35 -4.65
C ASN A 100 -5.36 3.12 -3.19
N THR A 101 -4.68 2.18 -2.55
CA THR A 101 -4.96 1.85 -1.15
C THR A 101 -3.64 1.79 -0.37
N ARG A 102 -3.48 2.65 0.63
CA ARG A 102 -2.25 2.68 1.38
C ARG A 102 -2.39 1.89 2.67
N LEU A 103 -1.72 0.74 2.69
CA LEU A 103 -1.62 -0.10 3.86
C LEU A 103 -0.55 0.41 4.81
N PHE A 104 -0.90 0.44 6.11
CA PHE A 104 0.02 0.89 7.14
C PHE A 104 0.54 -0.34 7.87
N THR A 105 1.85 -0.42 8.07
CA THR A 105 2.40 -1.63 8.69
C THR A 105 1.92 -1.77 10.11
N VAL A 106 1.61 -3.00 10.50
CA VAL A 106 1.65 -3.37 11.89
C VAL A 106 3.12 -3.71 12.12
N PRO A 107 3.77 -3.03 13.07
CA PRO A 107 5.23 -3.04 13.11
C PRO A 107 5.81 -4.35 13.60
N TRP A 108 6.97 -4.73 13.08
CA TRP A 108 7.70 -5.87 13.62
C TRP A 108 8.94 -5.39 14.39
N PRO A 109 9.35 -6.15 15.41
CA PRO A 109 10.37 -5.75 16.40
C PRO A 109 11.73 -5.46 15.81
N VAL A 110 11.80 -4.49 14.91
CA VAL A 110 13.04 -4.16 14.24
C VAL A 110 13.90 -3.42 15.27
N LYS A 111 15.21 -3.40 15.05
CA LYS A 111 16.15 -2.83 16.02
C LYS A 111 15.75 -1.45 16.53
N GLY A 112 15.98 -1.22 17.82
CA GLY A 112 15.77 0.09 18.43
C GLY A 112 14.35 0.62 18.36
N SER A 113 13.37 -0.26 18.54
CA SER A 113 11.96 0.14 18.51
C SER A 113 11.17 -0.41 19.69
N LYS A 116 5.52 -1.42 22.61
CA LYS A 116 4.41 -1.26 23.55
C LYS A 116 3.10 -1.01 22.81
N HIS A 117 3.02 -1.46 21.56
CA HIS A 117 1.90 -1.09 20.69
C HIS A 117 0.95 -2.25 20.35
N THR A 118 1.41 -3.49 20.49
CA THR A 118 0.60 -4.65 20.06
C THR A 118 0.32 -5.60 21.23
N GLU A 119 -0.32 -6.74 20.95
CA GLU A 119 -0.61 -7.75 21.98
C GLU A 119 0.43 -8.86 22.03
N ALA A 120 0.40 -9.65 23.11
CA ALA A 120 1.41 -10.71 23.33
C ALA A 120 1.58 -11.65 22.13
N GLU A 121 0.54 -12.41 21.81
CA GLU A 121 0.61 -13.36 20.68
C GLU A 121 0.88 -12.64 19.36
N ILE A 122 0.17 -11.54 19.11
CA ILE A 122 0.33 -10.77 17.88
C ILE A 122 1.77 -10.28 17.70
N ALA A 123 2.30 -9.67 18.75
CA ALA A 123 3.70 -9.27 18.81
C ALA A 123 4.63 -10.41 18.42
N ALA A 124 4.39 -11.57 19.03
CA ALA A 124 5.20 -12.76 18.76
C ALA A 124 5.19 -13.15 17.28
N ALA A 125 4.02 -13.04 16.66
CA ALA A 125 3.86 -13.36 15.25
C ALA A 125 4.62 -12.39 14.35
N CYS A 126 4.62 -11.12 14.73
CA CYS A 126 5.39 -10.13 13.98
C CYS A 126 6.89 -10.40 14.07
N GLU A 127 7.36 -10.76 15.26
CA GLU A 127 8.77 -11.07 15.44
C GLU A 127 9.11 -12.23 14.53
N THR A 128 8.21 -13.21 14.49
CA THR A 128 8.37 -14.42 13.68
C THR A 128 8.46 -14.12 12.19
N PHE A 129 7.63 -13.20 11.70
CA PHE A 129 7.71 -12.85 10.29
C PHE A 129 8.90 -11.96 10.05
N LEU A 130 9.43 -11.38 11.11
CA LEU A 130 10.67 -10.63 11.00
C LEU A 130 11.83 -11.58 10.71
N LYS A 131 11.95 -12.63 11.51
CA LYS A 131 13.05 -13.57 11.28
C LYS A 131 12.85 -14.35 9.97
N LEU A 132 11.60 -14.57 9.57
CA LEU A 132 11.32 -15.12 8.26
C LEU A 132 11.88 -14.16 7.18
N ASN A 133 11.66 -12.87 7.38
CA ASN A 133 12.20 -11.84 6.51
C ASN A 133 13.75 -11.91 6.43
N ASP A 134 14.40 -12.10 7.56
CA ASP A 134 15.86 -12.23 7.61
C ASP A 134 16.32 -13.41 6.76
N TYR A 135 15.60 -14.54 6.89
CA TYR A 135 15.99 -15.76 6.19
C TYR A 135 15.84 -15.64 4.68
N LEU A 136 14.70 -15.16 4.23
CA LEU A 136 14.40 -15.00 2.82
C LEU A 136 15.35 -14.02 2.18
N GLN A 137 15.67 -12.96 2.91
CA GLN A 137 16.60 -11.94 2.44
C GLN A 137 17.97 -12.53 2.20
N ILE A 138 18.47 -13.31 3.14
CA ILE A 138 19.72 -14.04 2.93
C ILE A 138 19.66 -14.99 1.71
N GLU A 139 18.56 -15.71 1.57
CA GLU A 139 18.35 -16.59 0.42
C GLU A 139 18.28 -15.78 -0.88
N THR A 140 17.75 -14.56 -0.81
CA THR A 140 17.53 -13.75 -2.00
C THR A 140 18.86 -13.24 -2.48
N ILE A 141 19.69 -12.89 -1.51
CA ILE A 141 21.03 -12.41 -1.76
C ILE A 141 21.86 -13.51 -2.44
N GLN A 142 21.78 -14.73 -1.90
CA GLN A 142 22.47 -15.89 -2.49
C GLN A 142 22.04 -16.05 -3.95
N ALA A 143 20.73 -16.11 -4.19
CA ALA A 143 20.26 -16.35 -5.54
C ALA A 143 20.61 -15.22 -6.52
N LEU A 144 20.72 -13.99 -6.02
CA LEU A 144 21.09 -12.86 -6.86
C LEU A 144 22.57 -12.90 -7.22
N GLU A 145 23.41 -13.31 -6.27
CA GLU A 145 24.83 -13.45 -6.53
C GLU A 145 25.05 -14.52 -7.58
N GLU A 146 24.27 -15.59 -7.48
CA GLU A 146 24.35 -16.67 -8.45
C GLU A 146 23.83 -16.18 -9.78
N LEU A 147 22.81 -15.33 -9.76
CA LEU A 147 22.24 -14.84 -11.00
C LEU A 147 23.27 -14.00 -11.78
N ALA A 148 24.05 -13.20 -11.04
CA ALA A 148 25.09 -12.38 -11.66
C ALA A 148 26.29 -13.23 -12.12
N ALA A 149 26.60 -14.28 -11.36
CA ALA A 149 27.70 -15.19 -11.69
C ALA A 149 27.41 -15.94 -12.99
N LYS A 150 26.15 -16.32 -13.20
CA LYS A 150 25.75 -16.99 -14.43
C LYS A 150 25.96 -16.05 -15.62
N GLU A 151 25.46 -14.83 -15.50
CA GLU A 151 25.54 -13.86 -16.59
C GLU A 151 26.96 -13.36 -16.76
N LYS A 152 27.35 -13.14 -18.01
CA LYS A 152 28.72 -12.72 -18.35
C LYS A 152 29.61 -13.95 -18.56
N ALA A 153 28.99 -15.13 -18.53
CA ALA A 153 29.74 -16.37 -18.67
C ALA A 153 30.22 -16.56 -20.10
N ASP A 179 26.39 -3.99 -8.73
CA ASP A 179 27.28 -3.96 -7.57
C ASP A 179 26.65 -4.75 -6.43
N GLU A 180 27.48 -5.16 -5.47
CA GLU A 180 27.03 -5.89 -4.30
C GLU A 180 26.04 -5.05 -3.49
N VAL A 181 26.19 -3.73 -3.57
CA VAL A 181 25.31 -2.81 -2.85
C VAL A 181 23.95 -2.75 -3.52
N ASP A 182 23.93 -2.84 -4.85
CA ASP A 182 22.67 -2.91 -5.57
C ASP A 182 21.90 -4.13 -5.10
N ILE A 183 22.59 -5.27 -5.10
CA ILE A 183 22.02 -6.53 -4.69
C ILE A 183 21.36 -6.40 -3.32
N LYS A 184 22.18 -6.04 -2.33
CA LYS A 184 21.72 -5.79 -0.97
C LYS A 184 20.45 -4.97 -0.91
N SER A 185 20.42 -3.85 -1.63
CA SER A 185 19.29 -2.97 -1.51
C SER A 185 18.07 -3.60 -2.17
N ARG A 186 18.30 -4.44 -3.16
CA ARG A 186 17.20 -5.09 -3.87
C ARG A 186 16.78 -6.37 -3.19
N ALA A 187 17.51 -6.80 -2.16
CA ALA A 187 17.01 -7.84 -1.27
C ALA A 187 16.52 -7.31 0.09
N ALA A 188 16.53 -6.01 0.31
CA ALA A 188 16.28 -5.49 1.67
C ALA A 188 14.80 -5.31 1.98
N TYR A 189 14.13 -6.43 2.16
CA TYR A 189 12.69 -6.43 2.43
C TYR A 189 12.32 -5.59 3.67
N ASN A 190 11.49 -4.57 3.48
CA ASN A 190 10.99 -3.72 4.56
C ASN A 190 9.52 -4.02 4.97
N VAL A 191 8.86 -4.92 4.25
CA VAL A 191 7.48 -5.30 4.55
C VAL A 191 7.18 -6.69 4.00
N THR A 192 6.07 -7.26 4.47
CA THR A 192 5.49 -8.45 3.87
C THR A 192 3.98 -8.27 3.86
N LEU A 193 3.36 -8.58 2.73
CA LEU A 193 1.92 -8.66 2.66
C LEU A 193 1.49 -10.11 2.79
N LEU A 194 0.91 -10.42 3.94
CA LEU A 194 0.32 -11.74 4.17
C LEU A 194 -1.05 -11.82 3.50
N ASN A 195 -1.32 -12.96 2.88
CA ASN A 195 -2.61 -13.25 2.23
C ASN A 195 -3.21 -14.50 2.82
N PHE A 196 -4.52 -14.52 2.98
CA PHE A 196 -5.22 -15.74 3.36
C PHE A 196 -6.50 -15.89 2.54
N MET A 197 -6.82 -17.13 2.20
CA MET A 197 -8.13 -17.43 1.63
C MET A 197 -8.57 -18.86 1.94
N ASP A 198 -9.84 -19.00 2.30
CA ASP A 198 -10.48 -20.29 2.53
C ASP A 198 -11.44 -20.48 1.38
N PRO A 199 -11.03 -21.22 0.35
CA PRO A 199 -11.87 -21.30 -0.86
C PRO A 199 -13.28 -21.82 -0.57
N GLN A 200 -13.47 -22.52 0.53
CA GLN A 200 -14.79 -22.94 0.95
C GLN A 200 -15.62 -21.71 1.34
N LYS A 201 -15.01 -20.78 2.06
CA LYS A 201 -15.74 -19.61 2.55
C LYS A 201 -15.71 -18.46 1.55
N MET A 202 -14.75 -18.50 0.63
CA MET A 202 -14.67 -17.53 -0.46
C MET A 202 -14.66 -18.27 -1.79
N PRO A 203 -15.83 -18.73 -2.24
CA PRO A 203 -15.95 -19.48 -3.51
C PRO A 203 -16.17 -18.58 -4.73
N TYR A 204 -16.29 -17.28 -4.53
CA TYR A 204 -16.60 -16.38 -5.64
C TYR A 204 -15.32 -16.00 -6.41
N LEU A 205 -14.72 -17.01 -7.04
CA LEU A 205 -13.42 -16.86 -7.71
C LEU A 205 -13.59 -16.85 -9.21
N LYS A 206 -12.84 -15.99 -9.88
CA LYS A 206 -12.91 -15.89 -11.33
C LYS A 206 -12.08 -17.01 -11.99
N GLU A 207 -12.43 -17.36 -13.21
CA GLU A 207 -11.68 -18.34 -13.97
C GLU A 207 -10.51 -17.64 -14.67
N GLU A 208 -9.32 -18.23 -14.61
CA GLU A 208 -8.18 -17.66 -15.30
C GLU A 208 -8.51 -17.66 -16.80
N PRO A 209 -8.44 -16.47 -17.43
CA PRO A 209 -9.07 -16.32 -18.74
C PRO A 209 -8.21 -16.62 -19.98
N TYR A 210 -6.93 -17.00 -19.84
CA TYR A 210 -6.06 -17.08 -21.02
C TYR A 210 -5.44 -18.45 -21.23
N PHE A 211 -5.15 -19.15 -20.14
CA PHE A 211 -4.37 -20.39 -20.23
C PHE A 211 -5.11 -21.62 -19.69
N GLY A 212 -6.32 -21.45 -19.19
CA GLY A 212 -7.00 -22.55 -18.54
C GLY A 212 -6.38 -22.94 -17.21
N MET A 213 -5.93 -21.97 -16.43
CA MET A 213 -5.37 -22.28 -15.12
C MET A 213 -6.44 -22.46 -14.01
N GLY A 214 -7.70 -22.27 -14.35
CA GLY A 214 -8.76 -22.45 -13.37
C GLY A 214 -8.95 -21.25 -12.46
N LYS A 215 -9.23 -21.49 -11.18
CA LYS A 215 -9.74 -20.43 -10.31
C LYS A 215 -8.67 -19.53 -9.74
N MET A 216 -8.88 -18.24 -9.84
CA MET A 216 -7.86 -17.32 -9.35
C MET A 216 -8.21 -16.84 -7.94
N ALA A 217 -7.24 -16.98 -7.03
CA ALA A 217 -7.36 -16.44 -5.68
C ALA A 217 -6.97 -14.98 -5.75
N VAL A 218 -5.99 -14.70 -6.62
CA VAL A 218 -5.54 -13.36 -6.91
C VAL A 218 -5.27 -13.33 -8.42
N SER A 219 -5.86 -12.37 -9.12
CA SER A 219 -5.80 -12.35 -10.57
C SER A 219 -4.47 -11.79 -11.08
N TRP A 220 -4.22 -11.96 -12.38
CA TRP A 220 -3.00 -11.48 -13.02
C TRP A 220 -2.69 -10.07 -12.62
N HIS A 221 -1.45 -9.81 -12.23
CA HIS A 221 -1.03 -8.46 -11.85
C HIS A 221 0.50 -8.32 -11.83
N HIS A 222 0.96 -7.07 -11.74
CA HIS A 222 2.33 -6.78 -11.36
C HIS A 222 2.22 -6.30 -9.92
N ASP A 223 3.21 -6.61 -9.09
CA ASP A 223 3.23 -6.03 -7.77
C ASP A 223 3.63 -4.56 -7.93
N GLU A 224 2.84 -3.66 -7.36
CA GLU A 224 3.06 -2.23 -7.44
C GLU A 224 3.96 -1.69 -6.32
N ASN A 225 4.44 -0.45 -6.49
CA ASN A 225 5.06 0.33 -5.41
C ASN A 225 6.33 -0.34 -4.90
N LEU A 226 7.06 -0.94 -5.83
CA LEU A 226 8.27 -1.69 -5.52
C LEU A 226 9.51 -0.99 -6.04
N VAL A 227 10.58 -1.07 -5.27
CA VAL A 227 11.84 -0.50 -5.70
C VAL A 227 12.24 -1.23 -6.97
N ASP A 228 12.68 -0.45 -7.95
CA ASP A 228 12.98 -0.97 -9.27
C ASP A 228 13.92 -2.17 -9.20
N ARG A 229 13.57 -3.23 -9.95
CA ARG A 229 14.37 -4.44 -9.99
C ARG A 229 14.50 -5.15 -8.64
N SER A 230 13.70 -4.77 -7.66
CA SER A 230 13.76 -5.44 -6.36
C SER A 230 13.07 -6.81 -6.43
N ALA A 231 13.65 -7.77 -5.71
CA ALA A 231 13.11 -9.11 -5.62
C ALA A 231 11.86 -9.20 -4.72
N VAL A 232 11.10 -10.27 -4.90
CA VAL A 232 9.97 -10.60 -4.03
C VAL A 232 10.14 -12.04 -3.57
N ALA A 233 10.03 -12.25 -2.26
CA ALA A 233 10.20 -13.60 -1.72
C ALA A 233 8.86 -14.01 -1.15
N VAL A 234 8.45 -15.25 -1.39
CA VAL A 234 7.13 -15.69 -0.98
C VAL A 234 7.20 -17.04 -0.29
N TYR A 235 6.70 -17.07 0.94
CA TYR A 235 6.58 -18.31 1.69
C TYR A 235 5.13 -18.69 1.54
N SER A 236 4.85 -19.92 1.10
CA SER A 236 3.48 -20.35 0.82
C SER A 236 3.05 -21.52 1.71
N TYR A 237 1.97 -21.33 2.47
CA TYR A 237 1.54 -22.31 3.48
C TYR A 237 0.12 -22.85 3.24
N SER A 238 0.01 -23.97 2.54
CA SER A 238 -1.29 -24.59 2.32
C SER A 238 -1.62 -25.43 3.54
N CYS A 239 -2.89 -25.76 3.74
CA CYS A 239 -3.28 -26.67 4.80
C CYS A 239 -3.55 -28.03 4.17
N GLU A 240 -3.92 -29.02 4.99
CA GLU A 240 -4.21 -30.37 4.51
N GLY A 254 -3.39 -30.70 -17.36
CA GLY A 254 -3.40 -29.36 -16.77
C GLY A 254 -3.09 -29.34 -15.28
N ARG A 255 -3.31 -28.21 -14.62
CA ARG A 255 -2.92 -28.08 -13.21
C ARG A 255 -3.93 -28.83 -12.33
N ASP A 256 -3.47 -29.30 -11.17
CA ASP A 256 -4.35 -29.89 -10.17
C ASP A 256 -5.19 -28.78 -9.52
N PRO A 257 -6.50 -28.81 -9.76
CA PRO A 257 -7.40 -27.78 -9.23
C PRO A 257 -7.31 -27.73 -7.70
N ASP A 258 -7.07 -28.89 -7.08
CA ASP A 258 -7.07 -28.99 -5.63
C ASP A 258 -5.88 -28.34 -4.95
N ILE A 259 -4.81 -28.09 -5.70
CA ILE A 259 -3.57 -27.60 -5.12
C ILE A 259 -3.29 -26.20 -5.53
N TRP A 260 -2.80 -25.41 -4.58
CA TRP A 260 -2.50 -24.01 -4.87
C TRP A 260 -1.29 -23.90 -5.81
N HIS A 261 -1.34 -22.90 -6.68
CA HIS A 261 -0.26 -22.62 -7.62
C HIS A 261 -0.02 -21.11 -7.64
N VAL A 262 1.15 -20.74 -8.13
CA VAL A 262 1.38 -19.39 -8.51
C VAL A 262 1.48 -19.47 -10.03
N GLY A 263 0.85 -18.53 -10.73
CA GLY A 263 0.90 -18.49 -12.18
C GLY A 263 1.75 -17.34 -12.67
N PHE A 264 2.44 -17.56 -13.78
CA PHE A 264 3.22 -16.53 -14.43
C PHE A 264 2.95 -16.52 -15.93
N LYS A 265 3.01 -15.31 -16.50
CA LYS A 265 2.86 -15.10 -17.93
C LYS A 265 3.79 -13.96 -18.31
N ILE A 266 4.17 -13.90 -19.57
CA ILE A 266 4.95 -12.77 -20.03
C ILE A 266 3.97 -11.64 -20.31
N SER A 267 4.40 -10.40 -20.00
CA SER A 267 3.59 -9.22 -20.26
C SER A 267 3.24 -9.13 -21.73
N TRP A 268 1.99 -8.75 -22.03
CA TRP A 268 1.50 -8.58 -23.41
C TRP A 268 1.28 -9.89 -24.12
N ASP A 269 1.62 -10.99 -23.46
CA ASP A 269 1.73 -12.25 -24.16
C ASP A 269 0.80 -13.32 -23.56
N ILE A 270 -0.14 -13.79 -24.37
CA ILE A 270 -0.91 -14.99 -24.03
C ILE A 270 -0.68 -16.10 -25.04
N GLU A 271 0.35 -15.97 -25.86
CA GLU A 271 0.71 -17.00 -26.83
C GLU A 271 1.80 -17.90 -26.24
N THR A 272 2.73 -17.33 -25.50
CA THR A 272 3.69 -18.13 -24.78
C THR A 272 2.93 -18.84 -23.64
N PRO A 273 2.99 -20.18 -23.62
CA PRO A 273 2.24 -20.85 -22.54
C PRO A 273 2.65 -20.37 -21.14
N GLY A 274 1.64 -20.10 -20.33
CA GLY A 274 1.87 -19.68 -18.97
C GLY A 274 2.45 -20.82 -18.17
N LEU A 275 3.11 -20.49 -17.08
CA LEU A 275 3.66 -21.49 -16.18
C LEU A 275 2.78 -21.55 -14.94
N ALA A 276 2.46 -22.76 -14.49
CA ALA A 276 1.76 -22.95 -13.22
C ALA A 276 2.62 -23.76 -12.25
N ILE A 277 3.14 -23.09 -11.23
CA ILE A 277 3.98 -23.74 -10.24
C ILE A 277 3.17 -24.18 -9.02
N PRO A 278 3.16 -25.50 -8.75
CA PRO A 278 2.53 -26.06 -7.54
C PRO A 278 3.22 -25.63 -6.24
N LEU A 279 2.43 -25.12 -5.30
CA LEU A 279 2.96 -24.79 -3.98
C LEU A 279 2.40 -25.75 -2.92
N HIS A 280 3.27 -26.26 -2.06
CA HIS A 280 2.84 -27.12 -0.98
C HIS A 280 3.03 -26.39 0.34
N GLN A 281 3.24 -27.13 1.42
CA GLN A 281 3.40 -26.52 2.73
CA GLN A 281 3.41 -26.55 2.74
C GLN A 281 4.86 -26.13 3.00
N GLY A 282 5.16 -24.85 2.86
CA GLY A 282 6.50 -24.37 3.12
C GLY A 282 7.38 -24.16 1.90
N ASP A 283 6.85 -24.40 0.71
CA ASP A 283 7.58 -24.04 -0.52
C ASP A 283 7.66 -22.53 -0.59
N CYS A 284 8.84 -22.00 -0.89
CA CYS A 284 8.97 -20.59 -1.16
C CYS A 284 9.31 -20.39 -2.63
N TYR A 285 9.00 -19.22 -3.17
CA TYR A 285 9.50 -18.84 -4.49
C TYR A 285 9.90 -17.38 -4.49
N PHE A 286 10.76 -17.02 -5.42
CA PHE A 286 11.34 -15.70 -5.46
C PHE A 286 11.22 -15.14 -6.87
N MET A 287 10.73 -13.91 -6.96
CA MET A 287 10.78 -13.17 -8.20
C MET A 287 12.00 -12.26 -8.14
N LEU A 288 12.96 -12.52 -9.02
CA LEU A 288 14.24 -11.84 -8.99
C LEU A 288 14.31 -10.75 -10.04
N ASP A 289 14.97 -9.66 -9.67
CA ASP A 289 15.38 -8.66 -10.62
C ASP A 289 14.14 -8.05 -11.30
N ASP A 290 14.13 -8.04 -12.63
CA ASP A 290 13.05 -7.43 -13.39
C ASP A 290 11.90 -8.42 -13.72
N LEU A 291 11.92 -9.62 -13.15
CA LEU A 291 10.83 -10.56 -13.38
C LEU A 291 9.45 -9.94 -13.16
N ASN A 292 9.32 -9.15 -12.10
CA ASN A 292 8.03 -8.57 -11.74
C ASN A 292 7.53 -7.49 -12.72
N ALA A 293 8.44 -6.97 -13.55
CA ALA A 293 8.09 -5.98 -14.55
C ALA A 293 7.86 -6.65 -15.89
N THR A 294 8.67 -7.63 -16.21
CA THR A 294 8.60 -8.31 -17.51
C THR A 294 7.46 -9.31 -17.58
N HIS A 295 6.98 -9.74 -16.41
CA HIS A 295 5.95 -10.77 -16.30
C HIS A 295 4.83 -10.32 -15.38
N GLN A 296 3.72 -11.02 -15.49
CA GLN A 296 2.59 -10.85 -14.60
C GLN A 296 2.50 -12.14 -13.84
N HIS A 297 1.94 -12.09 -12.63
CA HIS A 297 1.68 -13.32 -11.92
C HIS A 297 0.24 -13.31 -11.37
N CYS A 298 -0.23 -14.50 -10.97
CA CYS A 298 -1.52 -14.65 -10.34
C CYS A 298 -1.37 -15.72 -9.31
N VAL A 299 -2.43 -15.97 -8.54
CA VAL A 299 -2.44 -17.08 -7.62
C VAL A 299 -3.63 -17.96 -7.99
N LEU A 300 -3.38 -19.23 -8.27
CA LEU A 300 -4.45 -20.17 -8.57
C LEU A 300 -4.84 -20.87 -7.30
N ALA A 301 -6.10 -20.72 -6.89
CA ALA A 301 -6.57 -21.33 -5.67
C ALA A 301 -6.74 -22.88 -5.78
N GLY A 302 -6.39 -23.60 -4.71
CA GLY A 302 -6.73 -24.99 -4.54
C GLY A 302 -7.97 -25.05 -3.66
N SER A 303 -8.21 -26.16 -2.97
CA SER A 303 -9.47 -26.29 -2.24
C SER A 303 -9.33 -26.13 -0.74
N GLN A 304 -8.09 -26.15 -0.25
CA GLN A 304 -7.85 -26.00 1.19
C GLN A 304 -7.53 -24.57 1.55
N PRO A 305 -7.75 -24.20 2.81
CA PRO A 305 -7.31 -22.87 3.23
C PRO A 305 -5.80 -22.71 2.97
N ARG A 306 -5.36 -21.50 2.60
CA ARG A 306 -3.93 -21.25 2.44
C ARG A 306 -3.53 -19.79 2.74
N PHE A 307 -2.30 -19.65 3.25
CA PHE A 307 -1.69 -18.39 3.61
C PHE A 307 -0.50 -18.12 2.70
N SER A 308 -0.06 -16.87 2.62
CA SER A 308 1.27 -16.60 2.10
C SER A 308 1.84 -15.37 2.78
N SER A 309 3.17 -15.26 2.74
CA SER A 309 3.90 -14.10 3.22
C SER A 309 4.69 -13.58 2.04
N THR A 310 4.33 -12.43 1.51
CA THR A 310 5.02 -11.91 0.33
C THR A 310 5.87 -10.72 0.72
N HIS A 311 7.18 -10.97 0.89
CA HIS A 311 8.14 -9.94 1.28
C HIS A 311 8.63 -9.11 0.09
N ARG A 312 8.59 -7.80 0.28
CA ARG A 312 8.80 -6.81 -0.76
C ARG A 312 9.74 -5.74 -0.26
N VAL A 313 10.47 -5.11 -1.19
CA VAL A 313 11.20 -3.89 -0.90
C VAL A 313 10.29 -2.77 -1.40
N ALA A 314 9.36 -2.36 -0.54
CA ALA A 314 8.46 -1.26 -0.87
C ALA A 314 9.21 0.05 -1.14
N GLU A 315 8.84 0.71 -2.22
CA GLU A 315 9.38 1.99 -2.62
C GLU A 315 8.69 3.05 -1.77
N CYS A 316 9.20 3.29 -0.58
CA CYS A 316 8.55 4.16 0.38
C CYS A 316 9.19 5.55 0.53
N SER A 317 9.76 6.08 -0.55
CA SER A 317 10.46 7.37 -0.50
C SER A 317 9.51 8.49 -0.08
N THR A 318 8.24 8.38 -0.46
CA THR A 318 7.21 9.30 0.01
C THR A 318 6.16 8.52 0.83
N GLY A 319 6.59 7.45 1.49
CA GLY A 319 5.66 6.53 2.11
C GLY A 319 6.00 6.07 3.50
N THR A 320 6.59 6.94 4.30
CA THR A 320 6.92 6.59 5.68
C THR A 320 6.44 7.71 6.56
N LEU A 321 6.25 7.42 7.83
CA LEU A 321 5.82 8.43 8.77
C LEU A 321 6.83 9.58 8.79
N ASP A 322 8.11 9.30 9.04
CA ASP A 322 9.18 10.31 9.08
C ASP A 322 9.17 11.25 7.87
N TYR A 323 8.82 10.70 6.71
CA TYR A 323 8.78 11.51 5.50
C TYR A 323 7.62 12.50 5.52
N ILE A 324 6.44 12.05 5.91
CA ILE A 324 5.29 12.93 5.85
C ILE A 324 5.39 13.98 6.97
N LEU A 325 5.92 13.58 8.11
CA LEU A 325 6.15 14.49 9.24
C LEU A 325 7.14 15.52 8.79
N GLN A 326 8.18 15.11 8.06
CA GLN A 326 9.15 16.11 7.62
C GLN A 326 8.50 17.10 6.64
N ARG A 327 7.63 16.59 5.76
CA ARG A 327 6.93 17.46 4.82
C ARG A 327 5.98 18.41 5.55
N CYS A 328 5.40 17.97 6.66
CA CYS A 328 4.47 18.81 7.42
C CYS A 328 5.27 19.97 8.07
N GLN A 329 6.42 19.66 8.66
CA GLN A 329 7.33 20.67 9.20
C GLN A 329 7.69 21.68 8.11
N LEU A 330 7.99 21.17 6.91
CA LEU A 330 8.40 22.06 5.83
C LEU A 330 7.30 23.07 5.57
N ALA A 331 6.06 22.58 5.45
CA ALA A 331 4.92 23.45 5.19
C ALA A 331 4.68 24.49 6.30
N LEU A 332 4.80 24.09 7.57
CA LEU A 332 4.52 24.99 8.69
C LEU A 332 5.66 25.96 8.97
N GLN A 333 6.83 25.72 8.37
CA GLN A 333 7.87 26.75 8.35
C GLN A 333 7.35 28.14 7.90
N ASN A 334 6.31 28.17 7.05
CA ASN A 334 5.70 29.44 6.62
C ASN A 334 4.72 30.06 7.65
N VAL A 335 4.57 29.46 8.83
CA VAL A 335 3.70 30.06 9.85
C VAL A 335 4.40 30.43 11.16
N CYS A 336 4.06 31.61 11.68
CA CYS A 336 4.55 32.07 12.96
CA CYS A 336 4.56 32.04 12.99
C CYS A 336 4.13 31.02 14.00
N ASP A 337 5.11 30.37 14.59
CA ASP A 337 4.85 29.24 15.47
C ASP A 337 5.22 29.52 16.92
N ASP A 338 5.05 30.78 17.37
CA ASP A 338 5.27 31.10 18.78
C ASP A 338 4.35 30.30 19.67
N VAL A 339 3.06 30.28 19.31
CA VAL A 339 2.07 29.61 20.14
C VAL A 339 1.17 28.79 19.25
N ASP A 340 0.48 27.83 19.83
CA ASP A 340 -0.46 27.02 19.07
C ASP A 340 -1.88 27.50 19.32
N ASN A 341 -2.39 28.30 18.40
CA ASN A 341 -3.78 28.74 18.48
C ASN A 341 -4.39 28.86 17.09
N ASP A 342 -5.52 29.53 16.98
CA ASP A 342 -6.28 29.52 15.72
C ASP A 342 -5.90 30.68 14.79
N ASP A 343 -5.25 31.70 15.33
CA ASP A 343 -4.90 32.85 14.51
C ASP A 343 -3.61 32.65 13.71
N VAL A 344 -3.70 31.78 12.72
CA VAL A 344 -2.60 31.49 11.82
C VAL A 344 -2.15 32.77 11.11
N SER A 345 -0.88 33.12 11.30
CA SER A 345 -0.29 34.23 10.56
CA SER A 345 -0.30 34.22 10.55
C SER A 345 0.84 33.67 9.72
N LEU A 346 0.91 34.11 8.47
CA LEU A 346 1.90 33.57 7.55
C LEU A 346 3.03 34.53 7.38
N LYS A 347 4.21 33.94 7.17
CA LYS A 347 5.45 34.68 7.08
C LYS A 347 5.62 35.22 5.68
N SER A 348 5.11 34.49 4.70
CA SER A 348 5.26 34.90 3.31
C SER A 348 4.07 34.55 2.45
N PHE A 349 3.86 35.34 1.41
CA PHE A 349 2.90 35.00 0.40
C PHE A 349 3.56 34.86 -0.98
N GLU A 350 4.82 34.43 -0.99
CA GLU A 350 5.50 34.12 -2.26
C GLU A 350 4.83 32.95 -2.96
N PRO A 351 4.49 33.11 -4.25
CA PRO A 351 3.81 32.06 -4.99
C PRO A 351 4.35 30.65 -4.74
N ALA A 352 5.66 30.44 -4.78
CA ALA A 352 6.17 29.07 -4.65
C ALA A 352 5.96 28.45 -3.27
N VAL A 353 5.98 29.28 -2.22
CA VAL A 353 5.85 28.79 -0.87
C VAL A 353 4.40 28.44 -0.58
N LEU A 354 3.49 29.22 -1.15
CA LEU A 354 2.07 28.98 -0.98
C LEU A 354 1.67 27.76 -1.80
N LYS A 355 2.29 27.57 -2.95
CA LYS A 355 1.95 26.44 -3.79
C LYS A 355 2.35 25.18 -3.01
N GLN A 356 3.60 25.16 -2.56
CA GLN A 356 4.10 24.07 -1.75
C GLN A 356 3.23 23.80 -0.52
N GLY A 357 2.78 24.87 0.14
CA GLY A 357 2.06 24.71 1.38
C GLY A 357 0.76 24.00 1.14
N GLU A 358 0.06 24.40 0.09
CA GLU A 358 -1.21 23.82 -0.25
C GLU A 358 -1.04 22.37 -0.79
N GLU A 359 0.08 22.10 -1.44
CA GLU A 359 0.35 20.77 -1.99
C GLU A 359 0.55 19.75 -0.88
N ILE A 360 1.34 20.14 0.12
CA ILE A 360 1.65 19.30 1.26
C ILE A 360 0.34 19.09 2.02
N HIS A 361 -0.41 20.17 2.20
CA HIS A 361 -1.73 20.07 2.79
C HIS A 361 -2.53 18.93 2.12
N ASN A 362 -2.54 18.89 0.80
CA ASN A 362 -3.24 17.82 0.10
C ASN A 362 -2.60 16.47 0.40
N GLU A 363 -1.28 16.42 0.48
CA GLU A 363 -0.58 15.14 0.64
C GLU A 363 -0.94 14.49 1.98
N VAL A 364 -0.81 15.23 3.08
CA VAL A 364 -1.19 14.70 4.39
C VAL A 364 -2.69 14.42 4.45
N GLU A 365 -3.51 15.22 3.78
CA GLU A 365 -4.94 14.93 3.80
C GLU A 365 -5.37 13.60 3.14
N PHE A 366 -4.93 13.36 1.91
CA PHE A 366 -5.51 12.25 1.11
C PHE A 366 -4.63 11.00 1.03
N GLU A 367 -3.33 11.17 1.22
CA GLU A 367 -2.41 10.04 1.14
C GLU A 367 -2.19 9.45 2.52
N TRP A 368 -2.53 10.23 3.56
CA TRP A 368 -2.36 9.77 4.92
C TRP A 368 -3.69 9.74 5.72
N LEU A 369 -4.29 10.89 5.99
CA LEU A 369 -5.50 10.87 6.81
C LEU A 369 -6.64 10.07 6.18
N ARG A 370 -7.09 10.46 4.99
CA ARG A 370 -8.27 9.79 4.42
C ARG A 370 -8.03 8.30 4.16
N GLN A 371 -6.80 7.96 3.78
CA GLN A 371 -6.44 6.56 3.59
C GLN A 371 -6.56 5.79 4.91
N PHE A 372 -5.93 6.33 5.95
CA PHE A 372 -5.88 5.65 7.22
C PHE A 372 -7.27 5.43 7.77
N TRP A 373 -8.13 6.43 7.65
CA TRP A 373 -9.46 6.35 8.24
C TRP A 373 -10.42 5.61 7.33
N PHE A 374 -10.07 5.52 6.05
CA PHE A 374 -10.93 4.77 5.13
C PHE A 374 -10.83 3.32 5.48
N GLN A 375 -9.63 2.82 5.70
CA GLN A 375 -9.59 1.43 6.12
C GLN A 375 -10.05 1.29 7.57
N GLY A 376 -9.84 2.36 8.35
CA GLY A 376 -9.93 2.28 9.80
C GLY A 376 -11.33 2.29 10.36
N ASN A 377 -11.42 2.13 11.67
CA ASN A 377 -10.22 1.89 12.48
C ASN A 377 -10.05 0.39 12.68
N ARG A 378 -9.21 -0.22 11.84
CA ARG A 378 -9.19 -1.68 11.74
C ARG A 378 -7.88 -2.32 12.21
N TYR A 379 -6.73 -1.75 11.85
CA TYR A 379 -5.47 -2.29 12.38
C TYR A 379 -5.29 -1.91 13.85
N ARG A 380 -6.22 -1.13 14.41
CA ARG A 380 -6.26 -0.88 15.85
C ARG A 380 -6.37 -2.19 16.65
N LYS A 381 -6.93 -3.21 16.01
CA LYS A 381 -7.09 -4.52 16.62
C LYS A 381 -5.74 -5.16 16.86
N CYS A 382 -4.83 -4.99 15.91
CA CYS A 382 -3.54 -5.64 15.99
C CYS A 382 -2.47 -4.75 16.60
N THR A 383 -2.67 -3.44 16.54
CA THR A 383 -1.66 -2.51 17.07
C THR A 383 -2.24 -1.13 17.34
N ASP A 384 -1.63 -0.40 18.27
CA ASP A 384 -1.96 1.01 18.50
C ASP A 384 -0.81 1.93 18.04
N TRP A 385 0.10 1.37 17.24
CA TRP A 385 1.30 2.08 16.77
C TRP A 385 0.98 3.42 16.10
N TRP A 386 -0.14 3.45 15.37
CA TRP A 386 -0.42 4.60 14.51
C TRP A 386 -1.36 5.63 15.16
N CYS A 387 -1.91 5.30 16.33
CA CYS A 387 -2.91 6.16 16.98
CA CYS A 387 -2.91 6.16 16.97
C CYS A 387 -2.36 7.56 17.22
N GLN A 388 -1.23 7.62 17.92
CA GLN A 388 -0.60 8.88 18.24
C GLN A 388 -0.11 9.59 16.98
N PRO A 389 0.59 8.88 16.09
CA PRO A 389 1.06 9.67 14.93
C PRO A 389 -0.04 10.19 13.99
N MET A 390 -1.13 9.45 13.89
CA MET A 390 -2.25 9.86 13.05
C MET A 390 -3.01 11.03 13.70
N ALA A 391 -3.04 11.07 15.03
CA ALA A 391 -3.56 12.24 15.72
C ALA A 391 -2.67 13.44 15.44
N GLN A 392 -1.37 13.22 15.43
CA GLN A 392 -0.44 14.32 15.23
C GLN A 392 -0.59 14.85 13.78
N LEU A 393 -0.65 13.94 12.80
CA LEU A 393 -0.81 14.35 11.41
C LEU A 393 -2.11 15.11 11.24
N GLU A 394 -3.12 14.78 12.05
CA GLU A 394 -4.39 15.50 11.97
C GLU A 394 -4.30 16.90 12.58
N ALA A 395 -3.63 17.00 13.72
CA ALA A 395 -3.37 18.31 14.32
C ALA A 395 -2.54 19.18 13.35
N LEU A 396 -1.54 18.59 12.71
CA LEU A 396 -0.73 19.35 11.75
C LEU A 396 -1.57 19.76 10.55
N TRP A 397 -2.45 18.87 10.11
CA TRP A 397 -3.36 19.19 9.03
C TRP A 397 -4.36 20.28 9.42
N LYS A 398 -4.89 20.25 10.64
CA LYS A 398 -5.88 21.27 11.00
C LYS A 398 -5.24 22.66 10.96
N LYS A 399 -3.96 22.71 11.28
CA LYS A 399 -3.23 23.96 11.16
C LYS A 399 -3.19 24.35 9.69
N MET A 400 -2.95 23.40 8.81
CA MET A 400 -2.87 23.73 7.39
C MET A 400 -4.21 24.28 6.87
N GLU A 401 -5.32 23.80 7.40
CA GLU A 401 -6.61 24.42 7.12
C GLU A 401 -6.56 25.89 7.56
N GLY A 402 -5.95 26.13 8.72
CA GLY A 402 -5.72 27.50 9.18
C GLY A 402 -4.89 28.31 8.18
N VAL A 403 -3.84 27.70 7.64
CA VAL A 403 -2.99 28.34 6.64
C VAL A 403 -3.77 28.70 5.36
N THR A 404 -4.54 27.73 4.84
CA THR A 404 -5.34 28.00 3.65
C THR A 404 -6.26 29.19 3.90
N ASN A 405 -6.94 29.16 5.04
CA ASN A 405 -7.84 30.25 5.38
C ASN A 405 -7.08 31.57 5.41
N ALA A 406 -5.82 31.53 5.83
CA ALA A 406 -5.08 32.79 5.93
C ALA A 406 -4.65 33.23 4.54
N VAL A 407 -4.34 32.30 3.66
CA VAL A 407 -4.13 32.66 2.28
C VAL A 407 -5.40 33.28 1.69
N LEU A 408 -6.55 32.64 1.90
CA LEU A 408 -7.81 33.18 1.34
C LEU A 408 -8.10 34.58 1.89
N HIS A 409 -7.74 34.84 3.13
CA HIS A 409 -7.99 36.15 3.74
C HIS A 409 -7.08 37.18 3.09
N GLU A 410 -5.83 36.81 2.87
CA GLU A 410 -4.88 37.70 2.20
C GLU A 410 -5.30 38.06 0.75
N VAL A 411 -5.86 37.12 -0.01
CA VAL A 411 -6.31 37.44 -1.36
C VAL A 411 -7.56 38.31 -1.33
N LYS A 412 -8.30 38.21 -0.24
CA LYS A 412 -9.59 38.87 -0.09
C LYS A 412 -9.49 40.22 0.59
N ARG A 413 -8.32 40.86 0.55
CA ARG A 413 -8.14 42.14 1.23
C ARG A 413 -7.92 43.29 0.25
N GLU A 414 -8.23 44.51 0.70
CA GLU A 414 -8.32 45.68 -0.16
C GLU A 414 -6.97 46.10 -0.76
N GLY A 415 -5.98 46.31 0.10
CA GLY A 415 -4.68 46.81 -0.32
C GLY A 415 -3.97 46.01 -1.39
N LEU A 416 -4.08 44.68 -1.36
CA LEU A 416 -3.36 43.82 -2.31
C LEU A 416 -3.58 44.23 -3.76
N PRO A 417 -2.54 44.75 -4.43
CA PRO A 417 -2.67 45.05 -5.85
C PRO A 417 -3.07 43.81 -6.67
N VAL A 418 -3.88 44.04 -7.70
CA VAL A 418 -4.43 42.95 -8.49
C VAL A 418 -3.34 41.99 -8.94
N GLU A 419 -2.16 42.52 -9.28
CA GLU A 419 -1.09 41.70 -9.84
C GLU A 419 -0.59 40.59 -8.91
N GLN A 420 -0.37 40.94 -7.65
CA GLN A 420 0.11 39.96 -6.69
C GLN A 420 -1.00 39.01 -6.30
N ARG A 421 -2.23 39.52 -6.22
CA ARG A 421 -3.37 38.67 -5.93
C ARG A 421 -3.45 37.53 -6.94
N ASN A 422 -3.38 37.89 -8.21
CA ASN A 422 -3.44 36.91 -9.28
C ASN A 422 -2.26 35.92 -9.24
N GLU A 423 -1.08 36.40 -8.88
CA GLU A 423 0.03 35.48 -8.58
C GLU A 423 -0.40 34.39 -7.58
N ILE A 424 -0.98 34.81 -6.46
CA ILE A 424 -1.35 33.90 -5.38
C ILE A 424 -2.36 32.85 -5.87
N LEU A 425 -3.40 33.36 -6.53
CA LEU A 425 -4.45 32.50 -7.04
C LEU A 425 -3.86 31.42 -7.93
N THR A 426 -3.03 31.82 -8.90
CA THR A 426 -2.44 30.86 -9.83
C THR A 426 -1.61 29.80 -9.09
N ALA A 427 -0.91 30.21 -8.04
CA ALA A 427 -0.11 29.31 -7.25
C ALA A 427 -0.94 28.26 -6.49
N ILE A 428 -2.12 28.66 -6.02
CA ILE A 428 -2.96 27.78 -5.20
C ILE A 428 -4.17 27.13 -5.89
N LEU A 429 -4.51 27.55 -7.10
CA LEU A 429 -5.74 27.08 -7.73
C LEU A 429 -5.73 25.58 -8.10
N ALA A 430 -4.65 25.09 -8.71
CA ALA A 430 -4.55 23.65 -8.98
C ALA A 430 -4.76 22.80 -7.70
N SER A 431 -4.13 23.21 -6.58
CA SER A 431 -4.22 22.47 -5.33
C SER A 431 -5.63 22.46 -4.74
N LEU A 432 -6.26 23.63 -4.67
CA LEU A 432 -7.60 23.72 -4.12
C LEU A 432 -8.63 22.94 -4.97
N THR A 433 -8.45 22.94 -6.28
CA THR A 433 -9.37 22.19 -7.15
C THR A 433 -9.17 20.69 -6.94
N ALA A 434 -7.91 20.28 -6.82
CA ALA A 434 -7.59 18.88 -6.54
C ALA A 434 -8.12 18.52 -5.17
N ARG A 435 -8.20 19.52 -4.28
CA ARG A 435 -8.71 19.27 -2.93
C ARG A 435 -10.19 18.97 -2.99
N GLN A 436 -10.94 19.79 -3.73
CA GLN A 436 -12.39 19.62 -3.84
C GLN A 436 -12.73 18.28 -4.51
N ASN A 437 -11.98 17.92 -5.55
CA ASN A 437 -12.25 16.72 -6.32
C ASN A 437 -11.94 15.45 -5.54
N LEU A 438 -10.81 15.47 -4.85
CA LEU A 438 -10.38 14.33 -4.07
C LEU A 438 -11.28 14.16 -2.86
N ARG A 439 -11.83 15.26 -2.34
CA ARG A 439 -12.81 15.22 -1.26
C ARG A 439 -14.14 14.61 -1.72
N ARG A 440 -14.64 15.01 -2.89
CA ARG A 440 -15.87 14.41 -3.40
C ARG A 440 -15.69 12.89 -3.51
N GLU A 441 -14.55 12.50 -4.09
CA GLU A 441 -14.21 11.10 -4.35
C GLU A 441 -14.15 10.25 -3.10
N TRP A 442 -13.27 10.62 -2.18
CA TRP A 442 -13.14 9.96 -0.88
C TRP A 442 -14.48 9.87 -0.13
N HIS A 443 -15.25 10.94 -0.11
CA HIS A 443 -16.54 10.92 0.54
C HIS A 443 -17.46 9.85 -0.10
N ALA A 444 -17.42 9.77 -1.42
CA ALA A 444 -18.16 8.74 -2.16
C ALA A 444 -17.59 7.37 -1.87
N ARG A 445 -16.28 7.28 -1.69
CA ARG A 445 -15.63 5.98 -1.56
C ARG A 445 -15.94 5.42 -0.18
N CYS A 446 -16.20 6.31 0.78
CA CYS A 446 -16.59 5.90 2.12
C CYS A 446 -18.04 5.47 2.19
N GLN A 447 -18.86 5.94 1.24
CA GLN A 447 -20.30 5.66 1.28
C GLN A 447 -20.81 4.72 0.19
N SER A 448 -19.92 3.97 -0.46
CA SER A 448 -20.33 3.07 -1.55
C SER A 448 -21.15 1.93 -0.99
N ARG A 449 -21.92 1.25 -1.84
CA ARG A 449 -22.81 0.20 -1.35
C ARG A 449 -22.02 -0.95 -0.72
N ILE A 450 -20.74 -1.10 -1.07
CA ILE A 450 -19.94 -2.20 -0.55
C ILE A 450 -19.08 -1.82 0.66
N ALA A 451 -18.70 -0.55 0.75
CA ALA A 451 -18.13 -0.05 1.99
C ALA A 451 -19.15 -0.25 3.13
N ARG A 452 -20.41 0.09 2.89
CA ARG A 452 -21.48 -0.04 3.89
C ARG A 452 -21.78 -1.51 4.23
N THR A 453 -21.30 -2.42 3.39
CA THR A 453 -21.46 -3.84 3.64
C THR A 453 -20.51 -4.33 4.72
N LEU A 454 -19.35 -3.68 4.81
CA LEU A 454 -18.34 -4.04 5.79
C LEU A 454 -18.83 -3.90 7.22
N PRO A 455 -18.35 -4.77 8.13
CA PRO A 455 -18.73 -4.67 9.55
C PRO A 455 -18.26 -3.35 10.18
N ALA A 456 -18.83 -3.02 11.34
CA ALA A 456 -18.43 -1.81 12.08
C ALA A 456 -16.99 -1.96 12.52
N ASP A 457 -16.56 -3.22 12.62
CA ASP A 457 -15.17 -3.54 12.88
C ASP A 457 -14.24 -2.82 11.87
N GLN A 458 -14.69 -2.74 10.63
CA GLN A 458 -13.88 -2.20 9.54
C GLN A 458 -14.65 -1.13 8.79
N LYS A 459 -15.72 -0.60 9.39
CA LYS A 459 -16.45 0.51 8.78
C LYS A 459 -15.48 1.63 8.39
N PRO A 460 -15.39 1.95 7.08
CA PRO A 460 -14.66 3.13 6.65
C PRO A 460 -15.25 4.44 7.18
N GLU A 461 -14.39 5.30 7.73
CA GLU A 461 -14.79 6.63 8.16
C GLU A 461 -14.25 7.63 7.15
N CYS A 462 -15.01 8.71 6.92
CA CYS A 462 -14.57 9.78 6.03
C CYS A 462 -14.02 10.93 6.87
N ARG A 463 -12.92 10.70 7.58
CA ARG A 463 -12.32 11.73 8.43
C ARG A 463 -11.06 12.33 7.79
N PRO A 464 -10.83 13.65 7.98
CA PRO A 464 -11.67 14.61 8.70
C PRO A 464 -12.86 15.06 7.87
N TYR A 465 -13.97 15.30 8.55
CA TYR A 465 -15.23 15.70 7.94
C TYR A 465 -16.03 16.45 8.98
N TRP A 466 -16.58 17.58 8.56
CA TRP A 466 -17.30 18.47 9.47
C TRP A 466 -18.45 19.11 8.71
N GLU A 467 -19.46 19.55 9.44
CA GLU A 467 -20.61 20.25 8.85
C GLU A 467 -20.32 21.75 8.77
N LYS A 468 -21.20 22.47 8.10
CA LYS A 468 -21.08 23.93 7.99
C LYS A 468 -21.19 24.58 9.36
N ASP A 469 -22.18 24.13 10.12
CA ASP A 469 -22.44 24.63 11.47
C ASP A 469 -21.19 24.63 12.35
N ASP A 470 -20.25 23.74 12.03
CA ASP A 470 -19.10 23.50 12.90
C ASP A 470 -18.18 24.71 12.95
N ALA A 471 -18.21 25.41 14.08
CA ALA A 471 -17.41 26.61 14.29
C ALA A 471 -15.95 26.27 14.49
N SER A 472 -15.66 25.03 14.86
CA SER A 472 -14.29 24.63 15.17
C SER A 472 -13.39 24.66 13.93
N MET A 473 -14.01 24.69 12.75
CA MET A 473 -13.25 24.65 11.50
C MET A 473 -13.38 25.97 10.73
N PRO A 474 -12.24 26.53 10.30
CA PRO A 474 -12.14 27.82 9.58
C PRO A 474 -12.77 27.82 8.17
N LEU A 475 -12.66 26.70 7.46
CA LEU A 475 -13.19 26.60 6.11
C LEU A 475 -14.20 25.45 5.97
N PRO A 476 -15.16 25.60 5.04
CA PRO A 476 -16.10 24.51 4.77
C PRO A 476 -15.40 23.29 4.16
N PHE A 477 -15.97 22.12 4.36
CA PHE A 477 -15.48 20.89 3.78
C PHE A 477 -15.63 20.91 2.25
N ASP A 478 -16.72 21.51 1.78
CA ASP A 478 -17.00 21.65 0.35
C ASP A 478 -16.49 23.00 -0.17
N LEU A 479 -15.53 22.95 -1.09
CA LEU A 479 -14.84 24.16 -1.54
C LEU A 479 -15.38 24.69 -2.86
N THR A 480 -16.45 24.11 -3.36
CA THR A 480 -17.03 24.51 -4.64
C THR A 480 -17.17 26.03 -4.74
N ASP A 481 -17.76 26.65 -3.73
CA ASP A 481 -17.99 28.10 -3.76
C ASP A 481 -16.69 28.90 -3.77
N ILE A 482 -15.74 28.50 -2.92
CA ILE A 482 -14.46 29.15 -2.88
C ILE A 482 -13.73 29.04 -4.22
N VAL A 483 -13.55 27.83 -4.70
CA VAL A 483 -12.85 27.61 -5.96
C VAL A 483 -13.52 28.35 -7.12
N SER A 484 -14.84 28.46 -7.09
CA SER A 484 -15.57 29.17 -8.13
C SER A 484 -15.23 30.66 -8.14
N GLU A 485 -15.23 31.24 -6.95
CA GLU A 485 -14.91 32.66 -6.79
C GLU A 485 -13.45 32.98 -7.16
N LEU A 486 -12.53 32.08 -6.84
CA LEU A 486 -11.14 32.31 -7.19
C LEU A 486 -10.99 32.30 -8.71
N ARG A 487 -11.67 31.36 -9.35
CA ARG A 487 -11.70 31.29 -10.81
C ARG A 487 -12.24 32.58 -11.42
N GLY A 488 -13.34 33.08 -10.89
CA GLY A 488 -13.93 34.31 -11.40
C GLY A 488 -12.99 35.49 -11.26
N GLN A 489 -12.27 35.53 -10.14
CA GLN A 489 -11.35 36.62 -9.87
C GLN A 489 -10.23 36.63 -10.92
N LEU A 490 -9.68 35.44 -11.19
CA LEU A 490 -8.59 35.31 -12.13
C LEU A 490 -9.02 35.63 -13.56
N LEU A 491 -10.33 35.56 -13.80
CA LEU A 491 -10.90 35.86 -15.09
C LEU A 491 -11.26 37.34 -15.20
N GLU A 492 -11.28 38.04 -14.07
CA GLU A 492 -11.60 39.46 -14.09
C GLU A 492 -10.72 40.15 -15.11
N ALA A 493 -11.27 41.12 -15.81
CA ALA A 493 -10.53 41.83 -16.86
C ALA A 493 -10.50 43.34 -16.61
C1 OGA B . 0.31 -10.78 -4.03
C2 OGA B . 0.71 -12.06 -4.63
C4 OGA B . 1.33 -14.41 -4.37
C5 OGA B . 1.07 -15.54 -3.41
O1 OGA B . -0.29 -10.75 -2.92
O2 OGA B . 0.65 -9.73 -4.68
O2' OGA B . 0.89 -12.12 -5.84
O3 OGA B . 1.72 -16.61 -3.53
N1 OGA B . 0.91 -13.18 -3.79
O4 OGA B . 0.23 -15.40 -2.47
C1 GOL C . -1.04 -6.82 -4.07
O1 GOL C . -1.17 -8.02 -4.83
C2 GOL C . 0.03 -5.94 -4.73
O2 GOL C . 1.17 -6.74 -4.98
C3 GOL C . -0.50 -5.42 -6.06
O3 GOL C . 0.44 -4.53 -6.57
NI NI D . 1.72 -10.29 -6.36
#